data_9KBS
#
_entry.id   9KBS
#
_cell.length_a   50.010
_cell.length_b   54.900
_cell.length_c   161.310
_cell.angle_alpha   90.00
_cell.angle_beta   90.00
_cell.angle_gamma   90.00
#
_symmetry.space_group_name_H-M   'P 2 2 21'
#
loop_
_entity.id
_entity.type
_entity.pdbx_description
1 polymer Lysozyme
2 non-polymer GLYCEROL
3 water water
#
_entity_poly.entity_id   1
_entity_poly.type   'polypeptide(L)'
_entity_poly.pdbx_seq_one_letter_code
;MTTKPFFDAARVIAGGKLTQAQVDELNKVVNKLAPGGKTTSDVGVNLISGFEGTRFTAYDDGVGIWTIGTGTTVYPNGVK
VKKGDTCTPEQAKSYFKHDLAKFEKTVNESVTVPLTQNQFDALVSLTYNIGAGALKNSTLLKLLNKGDYKGAADQFLVWN
KAGGKVLKGLVRRREAERALFLKK
;
_entity_poly.pdbx_strand_id   A,B
#
# COMPACT_ATOMS: atom_id res chain seq x y z
N GLY A 37 4.45 -23.37 -9.58
CA GLY A 37 3.88 -22.11 -10.00
C GLY A 37 4.42 -20.90 -9.26
N LYS A 38 3.77 -19.77 -9.42
CA LYS A 38 4.18 -18.53 -8.77
C LYS A 38 3.50 -18.37 -7.42
N THR A 39 4.06 -17.47 -6.62
CA THR A 39 3.42 -17.01 -5.39
C THR A 39 3.40 -15.49 -5.38
N THR A 40 2.44 -14.94 -4.63
CA THR A 40 2.29 -13.49 -4.55
C THR A 40 3.55 -12.85 -3.99
N SER A 41 3.93 -11.71 -4.57
CA SER A 41 5.12 -11.00 -4.14
C SER A 41 4.75 -9.97 -3.06
N ASP A 42 5.79 -9.37 -2.46
CA ASP A 42 5.56 -8.32 -1.48
C ASP A 42 4.74 -7.18 -2.08
N VAL A 43 4.97 -6.86 -3.35
CA VAL A 43 4.18 -5.83 -4.01
C VAL A 43 2.71 -6.21 -4.04
N GLY A 44 2.41 -7.45 -4.43
CA GLY A 44 1.03 -7.88 -4.52
C GLY A 44 0.38 -8.00 -3.15
N VAL A 45 1.12 -8.52 -2.17
CA VAL A 45 0.60 -8.60 -0.81
C VAL A 45 0.27 -7.20 -0.29
N ASN A 46 1.15 -6.23 -0.55
CA ASN A 46 0.90 -4.87 -0.10
C ASN A 46 -0.29 -4.24 -0.81
N LEU A 47 -0.43 -4.49 -2.12
CA LEU A 47 -1.60 -3.99 -2.84
C LEU A 47 -2.89 -4.54 -2.24
N ILE A 48 -2.93 -5.85 -2.03
CA ILE A 48 -4.13 -6.49 -1.48
C ILE A 48 -4.40 -5.96 -0.08
N SER A 49 -3.38 -5.93 0.77
CA SER A 49 -3.53 -5.44 2.14
C SER A 49 -4.03 -4.00 2.15
N GLY A 50 -3.49 -3.15 1.28
CA GLY A 50 -3.92 -1.77 1.24
C GLY A 50 -5.37 -1.61 0.84
N PHE A 51 -5.83 -2.42 -0.11
CA PHE A 51 -7.23 -2.26 -0.51
C PHE A 51 -8.19 -2.98 0.43
N GLU A 52 -7.77 -4.06 1.07
CA GLU A 52 -8.63 -4.78 2.00
C GLU A 52 -8.74 -4.09 3.35
N GLY A 53 -7.68 -3.42 3.79
CA GLY A 53 -7.59 -2.97 5.16
C GLY A 53 -7.43 -4.13 6.13
N THR A 54 -7.12 -3.85 7.39
CA THR A 54 -7.05 -4.87 8.42
C THR A 54 -7.89 -4.43 9.61
N ARG A 55 -8.75 -5.31 10.10
CA ARG A 55 -9.55 -5.05 11.30
C ARG A 55 -9.58 -6.32 12.14
N PHE A 56 -9.68 -6.20 13.44
CA PHE A 56 -9.62 -7.34 14.35
C PHE A 56 -10.95 -7.61 15.03
N THR A 57 -12.01 -6.91 14.63
CA THR A 57 -13.38 -7.27 14.93
C THR A 57 -14.15 -7.38 13.63
N ALA A 58 -15.12 -8.30 13.59
CA ALA A 58 -15.85 -8.56 12.36
C ALA A 58 -16.69 -7.34 11.95
N TYR A 59 -16.72 -7.08 10.65
CA TYR A 59 -17.50 -5.97 10.10
C TYR A 59 -18.17 -6.38 8.80
N ASP A 60 -19.30 -5.75 8.51
CA ASP A 60 -20.00 -5.97 7.25
C ASP A 60 -19.31 -5.20 6.14
N ASP A 61 -18.94 -5.89 5.06
CA ASP A 61 -18.17 -5.29 3.97
C ASP A 61 -19.00 -4.41 3.06
N GLY A 62 -20.27 -4.16 3.37
CA GLY A 62 -21.13 -3.31 2.60
C GLY A 62 -22.15 -4.04 1.76
N VAL A 63 -21.82 -5.27 1.32
CA VAL A 63 -22.76 -6.09 0.56
C VAL A 63 -23.34 -7.21 1.41
N GLY A 64 -23.10 -7.20 2.72
CA GLY A 64 -23.68 -8.19 3.61
C GLY A 64 -22.81 -9.38 3.93
N ILE A 65 -21.52 -9.33 3.60
CA ILE A 65 -20.58 -10.42 3.91
C ILE A 65 -19.70 -9.94 5.06
N TRP A 66 -19.85 -10.58 6.22
CA TRP A 66 -19.05 -10.21 7.38
C TRP A 66 -17.60 -10.61 7.20
N THR A 67 -16.70 -9.70 7.60
CA THR A 67 -15.30 -9.76 7.24
C THR A 67 -14.46 -9.39 8.44
N ILE A 68 -13.25 -9.97 8.52
CA ILE A 68 -12.34 -9.75 9.63
C ILE A 68 -10.91 -9.93 9.12
N GLY A 69 -9.94 -9.48 9.92
CA GLY A 69 -8.56 -9.54 9.49
C GLY A 69 -8.33 -8.71 8.25
N THR A 70 -7.53 -9.25 7.33
CA THR A 70 -7.24 -8.57 6.06
C THR A 70 -8.11 -9.18 4.97
N GLY A 71 -9.40 -8.84 5.04
CA GLY A 71 -10.38 -9.28 4.06
C GLY A 71 -10.87 -10.70 4.20
N THR A 72 -10.61 -11.35 5.33
CA THR A 72 -11.07 -12.73 5.51
C THR A 72 -12.58 -12.78 5.73
N THR A 73 -13.24 -13.67 4.99
CA THR A 73 -14.66 -13.94 5.17
C THR A 73 -14.96 -15.40 5.47
N VAL A 74 -14.01 -16.30 5.25
CA VAL A 74 -14.14 -17.72 5.56
C VAL A 74 -12.84 -18.17 6.20
N TYR A 75 -12.92 -18.69 7.42
CA TYR A 75 -11.75 -19.18 8.12
C TYR A 75 -11.17 -20.42 7.42
N PRO A 76 -9.90 -20.73 7.67
CA PRO A 76 -9.28 -21.86 6.94
C PRO A 76 -9.95 -23.19 7.19
N ASN A 77 -10.71 -23.35 8.27
CA ASN A 77 -11.43 -24.58 8.55
C ASN A 77 -12.83 -24.60 7.95
N GLY A 78 -13.17 -23.60 7.14
CA GLY A 78 -14.46 -23.54 6.49
C GLY A 78 -15.53 -22.77 7.23
N VAL A 79 -15.24 -22.32 8.46
CA VAL A 79 -16.21 -21.56 9.23
C VAL A 79 -16.32 -20.14 8.68
N LYS A 80 -17.55 -19.66 8.54
CA LYS A 80 -17.79 -18.31 8.04
C LYS A 80 -17.56 -17.27 9.12
N VAL A 81 -16.94 -16.15 8.72
CA VAL A 81 -16.84 -14.99 9.61
C VAL A 81 -18.24 -14.48 9.92
N LYS A 82 -18.50 -14.21 11.20
CA LYS A 82 -19.80 -13.70 11.63
C LYS A 82 -19.62 -12.50 12.55
N LYS A 83 -20.71 -11.73 12.68
CA LYS A 83 -20.73 -10.58 13.56
C LYS A 83 -20.31 -10.97 14.97
N GLY A 84 -19.48 -10.12 15.59
CA GLY A 84 -18.97 -10.38 16.92
C GLY A 84 -17.66 -11.13 16.97
N ASP A 85 -17.21 -11.71 15.86
CA ASP A 85 -15.92 -12.38 15.83
C ASP A 85 -14.80 -11.38 16.10
N THR A 86 -13.79 -11.83 16.83
CA THR A 86 -12.58 -11.06 17.06
C THR A 86 -11.38 -11.93 16.73
N CYS A 87 -10.27 -11.28 16.41
CA CYS A 87 -9.04 -12.02 16.12
C CYS A 87 -7.84 -11.19 16.56
N THR A 88 -6.69 -11.85 16.64
CA THR A 88 -5.40 -11.28 16.94
C THR A 88 -4.63 -11.02 15.66
N PRO A 89 -3.58 -10.19 15.71
CA PRO A 89 -2.73 -10.01 14.51
C PRO A 89 -2.21 -11.30 13.91
N GLU A 90 -1.70 -12.23 14.73
CA GLU A 90 -1.18 -13.48 14.19
C GLU A 90 -2.29 -14.30 13.52
N GLN A 91 -3.50 -14.28 14.09
CA GLN A 91 -4.61 -15.03 13.50
C GLN A 91 -5.00 -14.47 12.14
N ALA A 92 -5.11 -13.13 12.05
CA ALA A 92 -5.38 -12.48 10.77
C ALA A 92 -4.28 -12.80 9.77
N LYS A 93 -3.02 -12.83 10.23
CA LYS A 93 -1.91 -13.20 9.35
C LYS A 93 -2.10 -14.62 8.79
N SER A 94 -2.46 -15.56 9.67
CA SER A 94 -2.63 -16.94 9.23
C SER A 94 -3.78 -17.07 8.22
N TYR A 95 -4.89 -16.38 8.49
CA TYR A 95 -6.03 -16.47 7.58
C TYR A 95 -5.69 -15.85 6.22
N PHE A 96 -4.99 -14.71 6.25
CA PHE A 96 -4.56 -14.06 5.02
C PHE A 96 -3.65 -14.96 4.21
N LYS A 97 -2.66 -15.58 4.87
CA LYS A 97 -1.75 -16.48 4.17
C LYS A 97 -2.48 -17.67 3.56
N HIS A 98 -3.42 -18.26 4.31
CA HIS A 98 -4.18 -19.38 3.79
C HIS A 98 -4.94 -18.99 2.52
N ASP A 99 -5.65 -17.86 2.57
CA ASP A 99 -6.44 -17.45 1.42
C ASP A 99 -5.56 -17.03 0.25
N LEU A 100 -4.40 -16.43 0.54
CA LEU A 100 -3.42 -16.11 -0.48
C LEU A 100 -2.98 -17.36 -1.22
N ALA A 101 -2.61 -18.41 -0.48
CA ALA A 101 -2.23 -19.66 -1.13
C ALA A 101 -3.37 -20.22 -1.98
N LYS A 102 -4.60 -20.12 -1.47
CA LYS A 102 -5.75 -20.62 -2.21
C LYS A 102 -5.91 -19.92 -3.55
N PHE A 103 -5.88 -18.59 -3.55
CA PHE A 103 -6.07 -17.85 -4.80
C PHE A 103 -4.84 -17.92 -5.70
N GLU A 104 -3.64 -18.08 -5.12
CA GLU A 104 -2.46 -18.34 -5.93
C GLU A 104 -2.63 -19.64 -6.70
N LYS A 105 -3.19 -20.65 -6.05
CA LYS A 105 -3.44 -21.92 -6.72
C LYS A 105 -4.49 -21.75 -7.82
N THR A 106 -5.53 -20.97 -7.54
CA THR A 106 -6.53 -20.66 -8.56
C THR A 106 -5.87 -20.05 -9.81
N VAL A 107 -5.03 -19.04 -9.62
CA VAL A 107 -4.42 -18.35 -10.75
C VAL A 107 -3.46 -19.27 -11.48
N ASN A 108 -2.61 -19.99 -10.75
CA ASN A 108 -1.65 -20.89 -11.37
C ASN A 108 -2.34 -21.96 -12.20
N GLU A 109 -3.49 -22.45 -11.75
CA GLU A 109 -4.16 -23.52 -12.48
C GLU A 109 -5.12 -23.03 -13.55
N SER A 110 -5.52 -21.76 -13.53
CA SER A 110 -6.48 -21.26 -14.50
C SER A 110 -5.83 -20.59 -15.70
N VAL A 111 -4.65 -20.01 -15.54
CA VAL A 111 -4.02 -19.22 -16.60
C VAL A 111 -3.07 -20.12 -17.38
N THR A 112 -3.28 -20.19 -18.70
CA THR A 112 -2.48 -21.04 -19.58
C THR A 112 -1.47 -20.27 -20.41
N VAL A 113 -1.28 -18.98 -20.14
CA VAL A 113 -0.30 -18.17 -20.85
C VAL A 113 0.76 -17.73 -19.86
N PRO A 114 1.95 -17.39 -20.34
CA PRO A 114 2.98 -16.84 -19.45
C PRO A 114 2.50 -15.55 -18.78
N LEU A 115 2.96 -15.35 -17.54
CA LEU A 115 2.66 -14.15 -16.78
C LEU A 115 3.96 -13.57 -16.22
N THR A 116 4.05 -12.25 -16.20
CA THR A 116 5.04 -11.61 -15.35
C THR A 116 4.57 -11.66 -13.90
N GLN A 117 5.51 -11.40 -12.98
CA GLN A 117 5.15 -11.34 -11.56
C GLN A 117 4.12 -10.25 -11.30
N ASN A 118 4.24 -9.11 -11.98
CA ASN A 118 3.25 -8.05 -11.88
C ASN A 118 1.85 -8.55 -12.23
N GLN A 119 1.73 -9.24 -13.37
CA GLN A 119 0.44 -9.72 -13.82
C GLN A 119 -0.13 -10.77 -12.87
N PHE A 120 0.73 -11.65 -12.34
CA PHE A 120 0.30 -12.65 -11.37
C PHE A 120 -0.23 -11.97 -10.10
N ASP A 121 0.50 -10.97 -9.59
CA ASP A 121 0.04 -10.23 -8.42
C ASP A 121 -1.32 -9.58 -8.67
N ALA A 122 -1.46 -8.91 -9.81
CA ALA A 122 -2.73 -8.25 -10.13
C ALA A 122 -3.88 -9.26 -10.21
N LEU A 123 -3.64 -10.40 -10.86
CA LEU A 123 -4.69 -11.41 -10.99
C LEU A 123 -5.04 -12.00 -9.62
N VAL A 124 -4.05 -12.21 -8.76
CA VAL A 124 -4.33 -12.72 -7.42
C VAL A 124 -5.17 -11.73 -6.63
N SER A 125 -4.84 -10.44 -6.71
CA SER A 125 -5.64 -9.42 -6.05
C SER A 125 -7.08 -9.45 -6.55
N LEU A 126 -7.25 -9.46 -7.88
CA LEU A 126 -8.58 -9.51 -8.47
C LEU A 126 -9.36 -10.72 -7.96
N THR A 127 -8.73 -11.90 -8.00
CA THR A 127 -9.43 -13.12 -7.63
C THR A 127 -9.76 -13.15 -6.14
N TYR A 128 -8.86 -12.62 -5.31
CA TYR A 128 -9.14 -12.41 -3.90
C TYR A 128 -10.43 -11.62 -3.72
N ASN A 129 -10.61 -10.57 -4.52
CA ASN A 129 -11.80 -9.74 -4.33
C ASN A 129 -13.05 -10.37 -4.94
N ILE A 130 -12.93 -11.03 -6.09
CA ILE A 130 -14.10 -11.48 -6.84
C ILE A 130 -14.37 -12.99 -6.73
N GLY A 131 -13.39 -13.79 -6.35
CA GLY A 131 -13.62 -15.21 -6.17
C GLY A 131 -13.12 -16.03 -7.35
N ALA A 132 -12.89 -17.32 -7.07
CA ALA A 132 -12.32 -18.21 -8.08
C ALA A 132 -13.30 -18.48 -9.22
N GLY A 133 -14.57 -18.70 -8.89
CA GLY A 133 -15.57 -18.94 -9.93
C GLY A 133 -15.71 -17.76 -10.89
N ALA A 134 -15.76 -16.55 -10.34
CA ALA A 134 -15.88 -15.36 -11.17
C ALA A 134 -14.71 -15.23 -12.13
N LEU A 135 -13.49 -15.47 -11.64
CA LEU A 135 -12.32 -15.49 -12.52
C LEU A 135 -12.47 -16.54 -13.61
N LYS A 136 -12.73 -17.79 -13.21
CA LYS A 136 -12.77 -18.88 -14.18
C LYS A 136 -13.85 -18.69 -15.24
N ASN A 137 -14.93 -17.97 -14.91
CA ASN A 137 -16.01 -17.72 -15.85
C ASN A 137 -15.89 -16.39 -16.58
N SER A 138 -14.89 -15.58 -16.25
CA SER A 138 -14.84 -14.23 -16.79
C SER A 138 -14.35 -14.23 -18.23
N THR A 139 -14.80 -13.23 -18.99
CA THR A 139 -14.23 -12.97 -20.31
C THR A 139 -12.79 -12.49 -20.19
N LEU A 140 -12.45 -11.88 -19.04
CA LEU A 140 -11.05 -11.57 -18.74
C LEU A 140 -10.17 -12.79 -18.96
N LEU A 141 -10.53 -13.91 -18.33
CA LEU A 141 -9.72 -15.12 -18.44
C LEU A 141 -9.74 -15.68 -19.85
N LYS A 142 -10.88 -15.57 -20.55
CA LYS A 142 -10.96 -16.04 -21.93
C LYS A 142 -9.95 -15.31 -22.80
N LEU A 143 -9.97 -13.98 -22.74
CA LEU A 143 -9.01 -13.17 -23.50
C LEU A 143 -7.58 -13.47 -23.07
N LEU A 144 -7.33 -13.50 -21.77
CA LEU A 144 -5.98 -13.77 -21.26
C LEU A 144 -5.44 -15.09 -21.80
N ASN A 145 -6.25 -16.15 -21.73
CA ASN A 145 -5.79 -17.46 -22.17
C ASN A 145 -5.79 -17.62 -23.68
N LYS A 146 -6.39 -16.68 -24.41
CA LYS A 146 -6.13 -16.60 -25.84
C LYS A 146 -4.84 -15.86 -26.17
N GLY A 147 -4.11 -15.38 -25.16
CA GLY A 147 -2.92 -14.58 -25.39
C GLY A 147 -3.18 -13.10 -25.56
N ASP A 148 -4.40 -12.63 -25.32
CA ASP A 148 -4.79 -11.24 -25.50
C ASP A 148 -4.61 -10.50 -24.18
N TYR A 149 -3.36 -10.13 -23.90
CA TYR A 149 -3.02 -9.46 -22.65
C TYR A 149 -3.77 -8.13 -22.49
N LYS A 150 -3.80 -7.32 -23.55
CA LYS A 150 -4.43 -6.01 -23.46
C LYS A 150 -5.92 -6.13 -23.17
N GLY A 151 -6.60 -7.04 -23.86
CA GLY A 151 -8.01 -7.28 -23.59
C GLY A 151 -8.28 -7.67 -22.16
N ALA A 152 -7.46 -8.55 -21.59
CA ALA A 152 -7.65 -8.96 -20.19
C ALA A 152 -7.41 -7.80 -19.23
N ALA A 153 -6.33 -7.05 -19.46
CA ALA A 153 -6.05 -5.85 -18.67
C ALA A 153 -7.26 -4.92 -18.67
N ASP A 154 -7.84 -4.70 -19.85
CA ASP A 154 -9.03 -3.84 -19.94
C ASP A 154 -10.24 -4.47 -19.28
N GLN A 155 -10.35 -5.80 -19.32
CA GLN A 155 -11.45 -6.51 -18.68
C GLN A 155 -11.36 -6.44 -17.16
N PHE A 156 -10.18 -6.13 -16.63
CA PHE A 156 -10.08 -5.83 -15.20
C PHE A 156 -11.15 -4.84 -14.75
N LEU A 157 -11.44 -3.84 -15.58
CA LEU A 157 -12.21 -2.67 -15.16
C LEU A 157 -13.71 -2.93 -15.05
N VAL A 158 -14.21 -4.06 -15.57
CA VAL A 158 -15.65 -4.32 -15.50
C VAL A 158 -16.08 -4.88 -14.15
N TRP A 159 -15.13 -5.15 -13.25
CA TRP A 159 -15.46 -5.71 -11.94
C TRP A 159 -15.45 -4.63 -10.86
N ASN A 160 -16.35 -3.68 -11.01
CA ASN A 160 -16.44 -2.57 -10.08
C ASN A 160 -17.82 -2.46 -9.44
N LYS A 161 -18.55 -3.56 -9.37
CA LYS A 161 -19.93 -3.52 -8.88
C LYS A 161 -20.28 -4.15 -7.54
N ALA A 162 -21.18 -3.50 -6.81
CA ALA A 162 -21.62 -3.97 -5.49
C ALA A 162 -22.93 -4.66 -5.58
N GLY A 163 -23.39 -4.92 -6.79
CA GLY A 163 -24.70 -5.49 -6.95
C GLY A 163 -25.61 -4.31 -6.99
N LYS A 165 -24.59 -1.39 -7.87
CA LYS A 165 -23.89 -0.14 -7.73
C LYS A 165 -22.42 -0.13 -8.01
N VAL A 166 -22.01 0.79 -8.85
CA VAL A 166 -20.61 0.94 -9.09
C VAL A 166 -20.07 1.70 -7.90
N LEU A 167 -19.25 1.04 -7.11
CA LEU A 167 -18.61 1.71 -6.00
C LEU A 167 -17.31 2.24 -6.50
N LYS A 168 -16.92 3.38 -5.98
CA LYS A 168 -15.69 4.00 -6.42
C LYS A 168 -14.45 3.32 -5.95
N GLY A 169 -14.52 2.61 -4.84
CA GLY A 169 -13.35 1.99 -4.27
C GLY A 169 -13.00 0.84 -5.14
N LEU A 170 -14.00 0.15 -5.62
CA LEU A 170 -13.75 -0.94 -6.55
C LEU A 170 -13.19 -0.40 -7.87
N VAL A 171 -13.66 0.77 -8.30
CA VAL A 171 -13.12 1.40 -9.51
C VAL A 171 -11.62 1.65 -9.35
N ARG A 172 -11.24 2.32 -8.25
CA ARG A 172 -9.82 2.59 -8.02
C ARG A 172 -9.02 1.31 -7.91
N ARG A 173 -9.59 0.28 -7.28
CA ARG A 173 -8.87 -0.97 -7.12
C ARG A 173 -8.63 -1.67 -8.45
N ARG A 174 -9.67 -1.72 -9.29
CA ARG A 174 -9.51 -2.33 -10.61
C ARG A 174 -8.53 -1.54 -11.46
N GLU A 175 -8.52 -0.21 -11.30
CA GLU A 175 -7.56 0.60 -12.06
C GLU A 175 -6.12 0.35 -11.59
N ALA A 176 -5.90 0.29 -10.27
CA ALA A 176 -4.57 0.00 -9.77
C ALA A 176 -4.10 -1.39 -10.17
N GLU A 177 -5.02 -2.38 -10.14
CA GLU A 177 -4.66 -3.73 -10.55
C GLU A 177 -4.32 -3.78 -12.03
N ARG A 178 -5.10 -3.07 -12.85
CA ARG A 178 -4.81 -2.99 -14.28
C ARG A 178 -3.45 -2.34 -14.53
N ALA A 179 -3.12 -1.30 -13.77
CA ALA A 179 -1.85 -0.61 -13.94
C ALA A 179 -0.68 -1.51 -13.56
N LEU A 180 -0.80 -2.24 -12.45
CA LEU A 180 0.22 -3.24 -12.10
C LEU A 180 0.32 -4.31 -13.19
N PHE A 181 -0.82 -4.81 -13.67
CA PHE A 181 -0.84 -5.83 -14.70
C PHE A 181 -0.12 -5.38 -15.95
N LEU A 182 -0.25 -4.10 -16.32
CA LEU A 182 0.39 -3.59 -17.52
C LEU A 182 1.81 -3.06 -17.27
N LYS A 183 2.21 -2.88 -16.03
CA LYS A 183 3.55 -2.40 -15.74
C LYS A 183 4.60 -3.43 -16.15
N LYS A 184 5.62 -2.97 -16.86
CA LYS A 184 6.75 -3.83 -17.21
C LYS A 184 7.99 -3.43 -16.40
N GLY B 36 -3.10 29.08 3.58
CA GLY B 36 -3.26 27.64 3.59
C GLY B 36 -2.29 26.92 2.69
N GLY B 37 -1.86 25.73 3.13
CA GLY B 37 -0.94 24.90 2.40
C GLY B 37 -1.57 23.61 1.91
N LYS B 38 -0.71 22.69 1.48
CA LYS B 38 -1.17 21.43 0.95
C LYS B 38 -1.28 20.39 2.05
N THR B 39 -2.02 19.31 1.74
CA THR B 39 -2.05 18.11 2.56
C THR B 39 -1.75 16.92 1.66
N THR B 40 -1.24 15.85 2.26
CA THR B 40 -0.90 14.67 1.47
C THR B 40 -2.13 14.11 0.78
N SER B 41 -1.95 13.69 -0.48
CA SER B 41 -3.04 13.13 -1.26
C SER B 41 -3.07 11.61 -1.10
N ASP B 42 -4.11 10.99 -1.65
CA ASP B 42 -4.22 9.54 -1.62
C ASP B 42 -2.99 8.87 -2.25
N VAL B 43 -2.44 9.47 -3.31
CA VAL B 43 -1.23 8.93 -3.92
C VAL B 43 -0.08 8.93 -2.92
N GLY B 44 0.12 10.05 -2.23
CA GLY B 44 1.22 10.12 -1.28
C GLY B 44 1.01 9.22 -0.07
N VAL B 45 -0.23 9.16 0.44
CA VAL B 45 -0.54 8.25 1.53
C VAL B 45 -0.27 6.81 1.11
N ASN B 46 -0.66 6.45 -0.10
CA ASN B 46 -0.43 5.09 -0.57
C ASN B 46 1.05 4.78 -0.71
N LEU B 47 1.82 5.74 -1.23
CA LEU B 47 3.27 5.56 -1.35
C LEU B 47 3.92 5.35 0.01
N ILE B 48 3.60 6.23 0.97
CA ILE B 48 4.22 6.14 2.29
C ILE B 48 3.82 4.85 2.98
N SER B 49 2.52 4.55 3.02
CA SER B 49 2.05 3.31 3.66
C SER B 49 2.67 2.08 3.00
N GLY B 50 2.76 2.07 1.66
CA GLY B 50 3.32 0.92 0.98
C GLY B 50 4.78 0.68 1.33
N PHE B 51 5.56 1.76 1.45
CA PHE B 51 6.97 1.54 1.78
C PHE B 51 7.20 1.29 3.26
N GLU B 52 6.36 1.87 4.13
CA GLU B 52 6.51 1.63 5.56
C GLU B 52 5.94 0.28 5.99
N GLY B 53 4.90 -0.19 5.31
CA GLY B 53 4.13 -1.30 5.81
C GLY B 53 3.35 -0.93 7.05
N THR B 54 2.43 -1.79 7.49
CA THR B 54 1.71 -1.61 8.73
C THR B 54 1.87 -2.87 9.56
N ARG B 55 2.20 -2.69 10.84
CA ARG B 55 2.41 -3.81 11.75
C ARG B 55 1.87 -3.43 13.12
N PHE B 56 1.38 -4.44 13.85
CA PHE B 56 0.65 -4.20 15.09
C PHE B 56 1.42 -4.66 16.33
N THR B 57 2.66 -5.08 16.17
CA THR B 57 3.59 -5.23 17.30
C THR B 57 4.85 -4.43 16.99
N ALA B 58 5.45 -3.89 18.05
CA ALA B 58 6.62 -3.04 17.86
C ALA B 58 7.78 -3.87 17.30
N TYR B 59 8.51 -3.28 16.37
CA TYR B 59 9.63 -3.95 15.74
C TYR B 59 10.79 -2.99 15.55
N ASP B 60 12.00 -3.56 15.53
CA ASP B 60 13.22 -2.81 15.27
C ASP B 60 13.34 -2.57 13.76
N ASP B 61 13.44 -1.30 13.36
CA ASP B 61 13.45 -0.94 11.95
C ASP B 61 14.80 -1.19 11.26
N GLY B 62 15.75 -1.82 11.95
CA GLY B 62 17.04 -2.14 11.38
C GLY B 62 18.16 -1.24 11.85
N VAL B 63 17.87 0.00 12.19
CA VAL B 63 18.86 0.93 12.72
C VAL B 63 18.70 1.14 14.23
N GLY B 64 17.84 0.37 14.88
CA GLY B 64 17.66 0.46 16.32
C GLY B 64 16.54 1.36 16.79
N ILE B 65 15.64 1.77 15.91
CA ILE B 65 14.50 2.60 16.28
C ILE B 65 13.27 1.71 16.27
N TRP B 66 12.68 1.51 17.44
CA TRP B 66 11.50 0.66 17.55
C TRP B 66 10.30 1.32 16.90
N THR B 67 9.55 0.52 16.15
CA THR B 67 8.55 1.04 15.22
C THR B 67 7.31 0.17 15.30
N ILE B 68 6.15 0.79 15.07
CA ILE B 68 4.86 0.12 15.14
C ILE B 68 3.90 0.88 14.22
N GLY B 69 2.77 0.25 13.92
CA GLY B 69 1.81 0.85 13.01
C GLY B 69 2.41 1.04 11.64
N THR B 70 2.10 2.18 11.02
CA THR B 70 2.61 2.52 9.69
C THR B 70 3.82 3.45 9.85
N GLY B 71 4.91 2.86 10.30
CA GLY B 71 6.15 3.59 10.47
C GLY B 71 6.22 4.47 11.68
N THR B 72 5.28 4.35 12.62
CA THR B 72 5.27 5.21 13.79
C THR B 72 6.40 4.85 14.74
N THR B 73 7.15 5.86 15.18
CA THR B 73 8.20 5.69 16.18
C THR B 73 8.00 6.58 17.40
N VAL B 74 7.13 7.59 17.32
CA VAL B 74 6.83 8.47 18.43
C VAL B 74 5.32 8.66 18.46
N TYR B 75 4.69 8.30 19.57
CA TYR B 75 3.24 8.45 19.71
C TYR B 75 2.87 9.93 19.76
N PRO B 76 1.60 10.26 19.45
CA PRO B 76 1.20 11.66 19.40
C PRO B 76 1.38 12.42 20.70
N ASN B 77 1.44 11.73 21.83
CA ASN B 77 1.66 12.38 23.12
C ASN B 77 3.14 12.49 23.48
N GLY B 78 4.04 12.14 22.55
CA GLY B 78 5.47 12.24 22.77
C GLY B 78 6.14 10.99 23.27
N VAL B 79 5.38 9.95 23.59
CA VAL B 79 5.98 8.70 24.08
C VAL B 79 6.64 7.97 22.91
N LYS B 80 7.86 7.49 23.14
CA LYS B 80 8.57 6.75 22.12
C LYS B 80 8.05 5.32 22.04
N VAL B 81 7.93 4.79 20.82
CA VAL B 81 7.60 3.39 20.65
C VAL B 81 8.71 2.55 21.27
N LYS B 82 8.33 1.54 22.04
CA LYS B 82 9.29 0.67 22.70
C LYS B 82 8.92 -0.79 22.47
N LYS B 83 9.91 -1.66 22.64
CA LYS B 83 9.74 -3.09 22.47
C LYS B 83 8.57 -3.61 23.30
N GLY B 84 7.78 -4.50 22.70
CA GLY B 84 6.61 -5.06 23.35
C GLY B 84 5.32 -4.30 23.15
N ASP B 85 5.37 -3.08 22.62
CA ASP B 85 4.17 -2.31 22.36
C ASP B 85 3.29 -3.01 21.33
N THR B 86 1.97 -2.89 21.52
CA THR B 86 0.98 -3.37 20.57
C THR B 86 0.00 -2.25 20.27
N CYS B 87 -0.64 -2.33 19.11
CA CYS B 87 -1.67 -1.36 18.74
C CYS B 87 -2.71 -2.02 17.86
N THR B 88 -3.83 -1.33 17.71
CA THR B 88 -4.94 -1.74 16.84
C THR B 88 -4.86 -1.01 15.51
N PRO B 89 -5.57 -1.49 14.49
CA PRO B 89 -5.62 -0.74 13.21
C PRO B 89 -6.06 0.70 13.37
N GLU B 90 -7.09 0.97 14.15
CA GLU B 90 -7.55 2.35 14.33
C GLU B 90 -6.49 3.22 14.99
N GLN B 91 -5.76 2.65 15.96
CA GLN B 91 -4.71 3.42 16.62
C GLN B 91 -3.55 3.71 15.65
N ALA B 92 -3.16 2.71 14.86
CA ALA B 92 -2.14 2.94 13.84
C ALA B 92 -2.59 4.04 12.86
N LYS B 93 -3.87 4.03 12.47
CA LYS B 93 -4.39 5.08 11.61
C LYS B 93 -4.27 6.45 12.28
N SER B 94 -4.62 6.55 13.55
CA SER B 94 -4.54 7.83 14.24
C SER B 94 -3.10 8.34 14.32
N TYR B 95 -2.16 7.44 14.64
CA TYR B 95 -0.77 7.84 14.74
C TYR B 95 -0.23 8.28 13.38
N PHE B 96 -0.60 7.54 12.33
CA PHE B 96 -0.19 7.89 10.98
C PHE B 96 -0.72 9.27 10.59
N LYS B 97 -2.00 9.54 10.88
CA LYS B 97 -2.56 10.84 10.55
C LYS B 97 -1.86 11.96 11.30
N HIS B 98 -1.58 11.77 12.59
CA HIS B 98 -0.88 12.79 13.35
C HIS B 98 0.47 13.11 12.72
N ASP B 99 1.25 12.07 12.41
CA ASP B 99 2.59 12.30 11.87
C ASP B 99 2.53 12.88 10.46
N LEU B 100 1.53 12.46 9.68
CA LEU B 100 1.31 13.05 8.36
C LEU B 100 1.08 14.55 8.47
N ALA B 101 0.19 14.96 9.37
CA ALA B 101 -0.05 16.40 9.55
C ALA B 101 1.22 17.13 9.97
N LYS B 102 2.00 16.52 10.87
CA LYS B 102 3.23 17.16 11.32
C LYS B 102 4.20 17.39 10.16
N PHE B 103 4.43 16.36 9.35
CA PHE B 103 5.39 16.51 8.26
C PHE B 103 4.82 17.37 7.13
N GLU B 104 3.51 17.46 7.01
CA GLU B 104 2.93 18.34 6.01
C GLU B 104 3.27 19.77 6.38
N LYS B 105 3.31 20.06 7.67
CA LYS B 105 3.61 21.39 8.13
C LYS B 105 5.05 21.69 7.89
N THR B 106 5.91 20.76 8.22
CA THR B 106 7.30 20.91 7.96
C THR B 106 7.49 21.28 6.47
N VAL B 107 6.85 20.55 5.56
CA VAL B 107 7.06 20.82 4.15
C VAL B 107 6.46 22.17 3.76
N ASN B 108 5.23 22.44 4.19
CA ASN B 108 4.57 23.69 3.86
C ASN B 108 5.37 24.90 4.35
N GLU B 109 5.99 24.79 5.53
CA GLU B 109 6.70 25.92 6.10
C GLU B 109 8.15 26.00 5.68
N SER B 110 8.72 24.93 5.13
CA SER B 110 10.13 24.92 4.75
C SER B 110 10.36 25.25 3.28
N VAL B 111 9.41 24.93 2.41
CA VAL B 111 9.58 25.09 0.96
C VAL B 111 9.01 26.44 0.54
N THR B 112 9.84 27.27 -0.09
CA THR B 112 9.45 28.61 -0.49
C THR B 112 9.20 28.73 -2.00
N VAL B 113 9.17 27.62 -2.72
CA VAL B 113 8.89 27.65 -4.16
C VAL B 113 7.56 26.94 -4.40
N PRO B 114 6.87 27.21 -5.51
CA PRO B 114 5.64 26.47 -5.82
C PRO B 114 5.93 24.98 -5.95
N LEU B 115 4.93 24.18 -5.56
CA LEU B 115 5.00 22.73 -5.68
C LEU B 115 3.75 22.21 -6.35
N THR B 116 3.92 21.19 -7.19
CA THR B 116 2.78 20.39 -7.59
C THR B 116 2.38 19.46 -6.44
N GLN B 117 1.18 18.90 -6.54
CA GLN B 117 0.75 17.93 -5.54
C GLN B 117 1.67 16.73 -5.51
N ASN B 118 2.13 16.30 -6.70
CA ASN B 118 3.11 15.22 -6.78
C ASN B 118 4.36 15.53 -5.97
N GLN B 119 4.91 16.72 -6.17
CA GLN B 119 6.14 17.11 -5.48
C GLN B 119 5.93 17.18 -3.97
N PHE B 120 4.77 17.70 -3.54
CA PHE B 120 4.48 17.75 -2.12
C PHE B 120 4.37 16.36 -1.52
N ASP B 121 3.69 15.46 -2.21
CA ASP B 121 3.59 14.07 -1.74
C ASP B 121 4.97 13.44 -1.62
N ALA B 122 5.81 13.59 -2.65
CA ALA B 122 7.15 13.01 -2.61
C ALA B 122 7.97 13.58 -1.46
N LEU B 123 7.90 14.89 -1.26
CA LEU B 123 8.66 15.52 -0.18
C LEU B 123 8.17 15.07 1.18
N VAL B 124 6.84 14.89 1.33
CA VAL B 124 6.30 14.41 2.59
C VAL B 124 6.77 12.99 2.86
N SER B 125 6.76 12.12 1.85
CA SER B 125 7.28 10.77 2.02
C SER B 125 8.74 10.79 2.47
N LEU B 126 9.56 11.56 1.76
CA LEU B 126 10.97 11.69 2.13
C LEU B 126 11.13 12.17 3.56
N THR B 127 10.41 13.22 3.95
CA THR B 127 10.58 13.82 5.26
C THR B 127 10.08 12.89 6.35
N TYR B 128 8.98 12.17 6.09
CA TYR B 128 8.53 11.11 6.98
C TYR B 128 9.65 10.11 7.24
N ASN B 129 10.41 9.77 6.19
CA ASN B 129 11.46 8.77 6.39
C ASN B 129 12.69 9.35 7.07
N ILE B 130 13.08 10.58 6.75
CA ILE B 130 14.35 11.12 7.24
C ILE B 130 14.20 12.15 8.36
N GLY B 131 13.03 12.76 8.52
CA GLY B 131 12.85 13.69 9.60
C GLY B 131 12.94 15.15 9.16
N ALA B 132 12.35 16.03 9.98
CA ALA B 132 12.28 17.45 9.64
C ALA B 132 13.66 18.10 9.66
N GLY B 133 14.48 17.77 10.66
CA GLY B 133 15.80 18.35 10.74
C GLY B 133 16.67 18.02 9.55
N ALA B 134 16.66 16.73 9.14
CA ALA B 134 17.46 16.32 7.98
C ALA B 134 17.03 17.03 6.72
N LEU B 135 15.71 17.13 6.49
CA LEU B 135 15.21 17.87 5.34
C LEU B 135 15.65 19.32 5.37
N LYS B 136 15.40 20.01 6.48
CA LYS B 136 15.66 21.45 6.57
C LYS B 136 17.13 21.78 6.34
N ASN B 137 18.02 20.84 6.67
CA ASN B 137 19.46 21.03 6.49
C ASN B 137 19.98 20.44 5.20
N SER B 138 19.12 19.80 4.39
CA SER B 138 19.58 19.09 3.21
C SER B 138 19.92 20.06 2.09
N THR B 139 20.87 19.65 1.24
CA THR B 139 21.12 20.38 0.01
C THR B 139 19.95 20.26 -0.95
N LEU B 140 19.18 19.19 -0.84
CA LEU B 140 17.91 19.06 -1.56
C LEU B 140 17.05 20.31 -1.37
N LEU B 141 16.82 20.69 -0.11
CA LEU B 141 15.95 21.84 0.15
C LEU B 141 16.56 23.14 -0.32
N LYS B 142 17.89 23.28 -0.21
CA LYS B 142 18.55 24.49 -0.69
C LYS B 142 18.34 24.66 -2.19
N LEU B 143 18.63 23.60 -2.96
CA LEU B 143 18.41 23.63 -4.40
C LEU B 143 16.94 23.89 -4.72
N LEU B 144 16.03 23.17 -4.04
CA LEU B 144 14.60 23.35 -4.27
C LEU B 144 14.18 24.79 -4.08
N ASN B 145 14.61 25.41 -2.98
CA ASN B 145 14.20 26.77 -2.66
C ASN B 145 14.96 27.81 -3.47
N LYS B 146 16.02 27.42 -4.17
CA LYS B 146 16.57 28.28 -5.22
C LYS B 146 15.81 28.16 -6.53
N GLY B 147 14.78 27.33 -6.59
CA GLY B 147 14.07 27.09 -7.83
C GLY B 147 14.64 26.00 -8.71
N ASP B 148 15.63 25.25 -8.23
CA ASP B 148 16.28 24.20 -9.00
C ASP B 148 15.58 22.88 -8.72
N TYR B 149 14.43 22.70 -9.39
CA TYR B 149 13.63 21.49 -9.18
C TYR B 149 14.40 20.22 -9.56
N LYS B 150 15.09 20.25 -10.71
CA LYS B 150 15.78 19.05 -11.18
C LYS B 150 16.87 18.62 -10.21
N GLY B 151 17.65 19.58 -9.72
CA GLY B 151 18.67 19.28 -8.72
C GLY B 151 18.10 18.65 -7.46
N ALA B 152 16.97 19.16 -6.98
CA ALA B 152 16.35 18.60 -5.77
C ALA B 152 15.83 17.19 -6.03
N ALA B 153 15.18 16.99 -7.17
CA ALA B 153 14.74 15.66 -7.56
C ALA B 153 15.91 14.68 -7.53
N ASP B 154 17.04 15.08 -8.09
CA ASP B 154 18.22 14.21 -8.07
C ASP B 154 18.78 14.05 -6.66
N GLN B 155 18.66 15.08 -5.81
CA GLN B 155 19.14 14.98 -4.44
C GLN B 155 18.29 14.03 -3.61
N PHE B 156 17.08 13.72 -4.07
CA PHE B 156 16.31 12.64 -3.46
C PHE B 156 17.16 11.38 -3.28
N LEU B 157 18.02 11.08 -4.25
CA LEU B 157 18.67 9.78 -4.36
C LEU B 157 19.81 9.58 -3.36
N VAL B 158 20.31 10.64 -2.70
CA VAL B 158 21.40 10.47 -1.76
C VAL B 158 20.95 10.00 -0.38
N TRP B 159 19.65 9.93 -0.15
CA TRP B 159 19.12 9.57 1.15
C TRP B 159 18.81 8.08 1.21
N ASN B 160 19.79 7.26 0.89
CA ASN B 160 19.62 5.83 0.84
C ASN B 160 20.43 5.04 1.84
N LYS B 161 20.85 5.68 2.91
CA LYS B 161 21.74 5.02 3.86
C LYS B 161 21.24 4.78 5.28
N ALA B 162 21.81 3.79 5.95
CA ALA B 162 21.46 3.51 7.35
C ALA B 162 21.87 4.67 8.26
N VAL B 166 24.69 1.95 2.68
CA VAL B 166 23.80 2.11 1.54
C VAL B 166 22.95 0.90 1.45
N LEU B 167 21.66 1.11 1.55
CA LEU B 167 20.70 -0.01 1.52
C LEU B 167 19.72 0.01 0.35
N LYS B 168 19.24 -1.15 -0.08
CA LYS B 168 18.38 -1.27 -1.26
C LYS B 168 16.93 -0.85 -1.23
N GLY B 169 16.24 -1.10 -0.13
CA GLY B 169 14.85 -0.71 -0.02
C GLY B 169 14.81 0.78 -0.02
N LEU B 170 15.77 1.40 0.63
CA LEU B 170 15.85 2.85 0.61
C LEU B 170 16.12 3.37 -0.80
N VAL B 171 16.94 2.65 -1.57
CA VAL B 171 17.18 3.02 -2.96
C VAL B 171 15.87 3.01 -3.74
N ARG B 172 15.12 1.92 -3.63
CA ARG B 172 13.85 1.81 -4.33
C ARG B 172 12.88 2.91 -3.91
N ARG B 173 12.86 3.22 -2.60
CA ARG B 173 11.93 4.24 -2.11
C ARG B 173 12.31 5.63 -2.61
N ARG B 174 13.61 5.97 -2.54
CA ARG B 174 14.05 7.27 -3.04
C ARG B 174 13.83 7.39 -4.54
N GLU B 175 13.96 6.30 -5.29
CA GLU B 175 13.70 6.35 -6.72
C GLU B 175 12.22 6.57 -6.99
N ALA B 176 11.34 5.87 -6.27
CA ALA B 176 9.91 6.08 -6.45
C ALA B 176 9.51 7.50 -6.09
N GLU B 177 10.09 8.03 -5.00
CA GLU B 177 9.77 9.39 -4.59
C GLU B 177 10.27 10.40 -5.62
N ARG B 178 11.48 10.21 -6.15
CA ARG B 178 11.99 11.09 -7.20
C ARG B 178 11.13 11.04 -8.45
N ALA B 179 10.67 9.84 -8.82
CA ALA B 179 9.84 9.71 -10.02
C ALA B 179 8.49 10.39 -9.84
N LEU B 180 7.87 10.23 -8.67
CA LEU B 180 6.65 10.98 -8.37
C LEU B 180 6.92 12.48 -8.40
N PHE B 181 8.03 12.90 -7.81
CA PHE B 181 8.41 14.31 -7.78
C PHE B 181 8.53 14.89 -9.18
N LEU B 182 9.03 14.10 -10.12
CA LEU B 182 9.20 14.56 -11.50
C LEU B 182 7.97 14.33 -12.37
N LYS B 183 7.01 13.54 -11.92
CA LYS B 183 5.81 13.30 -12.71
C LYS B 183 4.97 14.57 -12.83
N LYS B 184 4.52 14.85 -14.04
CA LYS B 184 3.63 15.98 -14.29
C LYS B 184 2.20 15.50 -14.54
#